data_1LKD
#
_entry.id   1LKD
#
_cell.length_a   122.640
_cell.length_b   122.640
_cell.length_c   107.232
_cell.angle_alpha   90.00
_cell.angle_beta   90.00
_cell.angle_gamma   90.00
#
_symmetry.space_group_name_H-M   'I 4 2 2'
#
loop_
_entity.id
_entity.type
_entity.pdbx_description
1 polymer 'BIPHENYL-2,3-DIOL 1,2-DIOXYGENASE'
2 non-polymer 'FE (II) ION'
3 non-polymer "2',6'-DICHLORO-BIPHENYL-2,6-DIOL"
4 non-polymer 'HEXAETHYLENE GLYCOL'
5 water water
#
_entity_poly.entity_id   1
_entity_poly.type   'polypeptide(L)'
_entity_poly.pdbx_seq_one_letter_code
;SIRSLGYMGFAVSDVAAWRSFLTQKLGLMEAGTTDNGDLFRIDSRAWRIAVQQGEVDDLAFAGYEVADAAGLAQMADKLK
QAGIAVTTGDASLARRRGVTGLITFADPFGLPLEIYYGASEVFEKPFLPGAAVSGFLTGEQGLGHFVRCVPDSDKALAFY
TDVLGFQLSDVIDMKMGPDVTVPAYFLHCNERHHTLAIAAFPLPKRIHHFMLEVASLDDVGFAFDRVDADGLITSTLGRH
TNDHMVSFYASTPSGVEVEYGWSARTVDRSWVVVRHDSPSMWGHKSVRDKAAARNKA
;
_entity_poly.pdbx_strand_id   A
#
# COMPACT_ATOMS: atom_id res chain seq x y z
N SER A 1 1.48 -6.13 18.15
CA SER A 1 2.01 -5.13 17.18
C SER A 1 1.52 -5.42 15.77
N ILE A 2 1.47 -4.37 14.95
CA ILE A 2 1.03 -4.51 13.56
C ILE A 2 2.08 -5.33 12.82
N ARG A 3 1.63 -6.35 12.09
CA ARG A 3 2.55 -7.22 11.36
C ARG A 3 2.73 -6.87 9.88
N SER A 4 1.73 -6.21 9.29
CA SER A 4 1.82 -5.85 7.87
C SER A 4 0.60 -5.10 7.37
N LEU A 5 0.71 -4.58 6.15
CA LEU A 5 -0.42 -3.91 5.49
C LEU A 5 -1.16 -5.13 4.92
N GLY A 6 -2.43 -5.28 5.26
CA GLY A 6 -3.18 -6.43 4.79
C GLY A 6 -4.09 -6.23 3.60
N TYR A 7 -4.72 -5.06 3.50
CA TYR A 7 -5.62 -4.80 2.38
C TYR A 7 -5.86 -3.32 2.22
N MET A 8 -6.40 -2.96 1.06
CA MET A 8 -6.72 -1.58 0.74
C MET A 8 -8.03 -1.52 -0.01
N GLY A 9 -8.78 -0.44 0.21
CA GLY A 9 -10.03 -0.25 -0.48
C GLY A 9 -9.97 1.08 -1.20
N PHE A 10 -10.47 1.12 -2.43
CA PHE A 10 -10.48 2.35 -3.22
C PHE A 10 -11.92 2.70 -3.58
N ALA A 11 -12.23 3.99 -3.59
CA ALA A 11 -13.55 4.47 -3.96
C ALA A 11 -13.27 5.21 -5.27
N VAL A 12 -13.79 4.68 -6.36
CA VAL A 12 -13.52 5.24 -7.68
C VAL A 12 -14.75 5.60 -8.49
N SER A 13 -14.57 6.50 -9.46
CA SER A 13 -15.67 6.94 -10.30
C SER A 13 -15.91 6.00 -11.48
N ASP A 14 -14.87 5.28 -11.90
CA ASP A 14 -14.99 4.36 -13.03
C ASP A 14 -14.57 2.96 -12.60
N VAL A 15 -15.51 2.22 -11.99
CA VAL A 15 -15.24 0.87 -11.51
C VAL A 15 -14.80 -0.09 -12.60
N ALA A 16 -15.41 0.02 -13.78
CA ALA A 16 -15.06 -0.86 -14.89
C ALA A 16 -13.63 -0.63 -15.37
N ALA A 17 -13.21 0.63 -15.37
CA ALA A 17 -11.85 0.98 -15.79
C ALA A 17 -10.84 0.39 -14.81
N TRP A 18 -11.15 0.45 -13.53
CA TRP A 18 -10.27 -0.10 -12.51
C TRP A 18 -10.21 -1.62 -12.62
N ARG A 19 -11.34 -2.25 -12.95
CA ARG A 19 -11.39 -3.70 -13.09
C ARG A 19 -10.45 -4.14 -14.19
N SER A 20 -10.53 -3.47 -15.33
CA SER A 20 -9.68 -3.77 -16.48
C SER A 20 -8.21 -3.50 -16.20
N PHE A 21 -7.93 -2.36 -15.58
CA PHE A 21 -6.56 -1.98 -15.25
C PHE A 21 -5.90 -2.98 -14.29
N LEU A 22 -6.56 -3.30 -13.20
CA LEU A 22 -5.99 -4.23 -12.23
C LEU A 22 -5.75 -5.63 -12.80
N THR A 23 -6.70 -6.14 -13.57
CA THR A 23 -6.57 -7.48 -14.14
C THR A 23 -5.72 -7.58 -15.40
N GLN A 24 -6.11 -6.87 -16.45
CA GLN A 24 -5.39 -6.91 -17.73
C GLN A 24 -4.00 -6.26 -17.71
N LYS A 25 -3.86 -5.17 -16.99
CA LYS A 25 -2.57 -4.48 -16.93
C LYS A 25 -1.64 -4.98 -15.84
N LEU A 26 -2.11 -5.01 -14.59
CA LEU A 26 -1.28 -5.43 -13.48
C LEU A 26 -1.27 -6.93 -13.18
N GLY A 27 -2.27 -7.65 -13.67
CA GLY A 27 -2.28 -9.09 -13.44
C GLY A 27 -2.96 -9.59 -12.19
N LEU A 28 -3.76 -8.75 -11.53
CA LEU A 28 -4.45 -9.21 -10.35
C LEU A 28 -5.59 -10.13 -10.79
N MET A 29 -6.10 -10.89 -9.84
CA MET A 29 -7.18 -11.85 -10.11
C MET A 29 -8.53 -11.33 -9.64
N GLU A 30 -9.54 -11.34 -10.51
CA GLU A 30 -10.88 -10.91 -10.12
C GLU A 30 -11.37 -11.97 -9.14
N ALA A 31 -11.87 -11.54 -7.99
CA ALA A 31 -12.32 -12.49 -6.97
C ALA A 31 -13.76 -12.29 -6.52
N GLY A 32 -14.62 -11.88 -7.43
CA GLY A 32 -16.02 -11.69 -7.10
C GLY A 32 -16.41 -10.31 -6.63
N THR A 33 -17.71 -10.12 -6.44
CA THR A 33 -18.24 -8.84 -5.99
C THR A 33 -19.16 -9.07 -4.80
N THR A 34 -18.93 -8.34 -3.73
CA THR A 34 -19.74 -8.47 -2.53
C THR A 34 -20.09 -7.07 -2.01
N ASP A 35 -20.63 -7.01 -0.81
CA ASP A 35 -20.99 -5.74 -0.19
C ASP A 35 -19.72 -4.96 0.12
N ASN A 36 -18.58 -5.59 -0.15
CA ASN A 36 -17.27 -4.98 0.08
C ASN A 36 -16.77 -4.37 -1.24
N GLY A 37 -17.58 -4.51 -2.29
CA GLY A 37 -17.23 -3.98 -3.60
C GLY A 37 -16.61 -5.05 -4.47
N ASP A 38 -15.99 -4.65 -5.58
CA ASP A 38 -15.33 -5.62 -6.45
C ASP A 38 -14.05 -6.01 -5.75
N LEU A 39 -13.80 -7.31 -5.63
CA LEU A 39 -12.61 -7.80 -4.94
C LEU A 39 -11.52 -8.29 -5.89
N PHE A 40 -10.27 -8.06 -5.51
CA PHE A 40 -9.13 -8.49 -6.33
C PHE A 40 -8.08 -9.16 -5.47
N ARG A 41 -7.47 -10.22 -6.01
CA ARG A 41 -6.46 -10.98 -5.28
C ARG A 41 -5.08 -10.94 -5.95
N ILE A 42 -4.05 -11.24 -5.16
CA ILE A 42 -2.67 -11.31 -5.65
C ILE A 42 -2.03 -12.56 -5.03
N ASP A 43 -2.73 -13.19 -4.08
CA ASP A 43 -2.23 -14.40 -3.44
C ASP A 43 -3.33 -15.28 -2.86
N SER A 44 -3.01 -16.05 -1.83
CA SER A 44 -3.99 -16.94 -1.22
C SER A 44 -5.14 -16.27 -0.46
N ARG A 45 -4.96 -15.00 -0.10
CA ARG A 45 -6.00 -14.29 0.64
C ARG A 45 -7.23 -14.05 -0.23
N ALA A 46 -8.41 -14.12 0.39
CA ALA A 46 -9.68 -13.94 -0.32
C ALA A 46 -9.72 -12.65 -1.14
N TRP A 47 -9.01 -11.63 -0.68
CA TRP A 47 -8.93 -10.35 -1.37
C TRP A 47 -7.85 -9.50 -0.72
N ARG A 48 -7.26 -8.60 -1.49
CA ARG A 48 -6.23 -7.69 -0.99
C ARG A 48 -6.61 -6.26 -1.36
N ILE A 49 -7.31 -6.11 -2.48
CA ILE A 49 -7.75 -4.80 -2.94
C ILE A 49 -9.23 -4.82 -3.28
N ALA A 50 -9.97 -3.85 -2.77
CA ALA A 50 -11.40 -3.74 -3.05
C ALA A 50 -11.63 -2.45 -3.80
N VAL A 51 -12.55 -2.47 -4.75
CA VAL A 51 -12.88 -1.29 -5.52
C VAL A 51 -14.38 -1.05 -5.44
N GLN A 52 -14.75 0.10 -4.90
CA GLN A 52 -16.16 0.46 -4.74
C GLN A 52 -16.44 1.73 -5.52
N GLN A 53 -17.71 1.95 -5.86
CA GLN A 53 -18.11 3.15 -6.59
C GLN A 53 -18.01 4.34 -5.64
N GLY A 54 -17.34 5.39 -6.08
CA GLY A 54 -17.20 6.57 -5.24
C GLY A 54 -16.58 7.73 -5.99
N GLU A 55 -17.00 8.94 -5.66
CA GLU A 55 -16.50 10.14 -6.33
C GLU A 55 -15.11 10.62 -5.90
N VAL A 56 -14.61 10.13 -4.78
CA VAL A 56 -13.30 10.57 -4.31
C VAL A 56 -12.14 10.16 -5.21
N ASP A 57 -12.25 9.01 -5.88
CA ASP A 57 -11.18 8.52 -6.74
C ASP A 57 -9.89 8.55 -5.93
N ASP A 58 -9.89 7.81 -4.82
CA ASP A 58 -8.74 7.79 -3.94
C ASP A 58 -8.82 6.58 -3.02
N LEU A 59 -7.81 6.42 -2.16
CA LEU A 59 -7.79 5.33 -1.21
C LEU A 59 -8.92 5.63 -0.24
N ALA A 60 -9.81 4.67 -0.02
CA ALA A 60 -10.94 4.85 0.89
C ALA A 60 -10.63 4.36 2.30
N PHE A 61 -9.79 3.34 2.38
CA PHE A 61 -9.40 2.78 3.68
C PHE A 61 -8.26 1.80 3.51
N ALA A 62 -7.56 1.55 4.61
CA ALA A 62 -6.45 0.61 4.61
C ALA A 62 -6.52 -0.23 5.88
N GLY A 63 -6.22 -1.51 5.75
CA GLY A 63 -6.27 -2.38 6.91
C GLY A 63 -4.93 -2.97 7.27
N TYR A 64 -4.53 -2.80 8.54
CA TYR A 64 -3.27 -3.34 9.03
C TYR A 64 -3.57 -4.60 9.81
N GLU A 65 -2.76 -5.63 9.59
CA GLU A 65 -2.94 -6.92 10.22
C GLU A 65 -2.12 -7.15 11.49
N VAL A 66 -2.77 -7.72 12.50
CA VAL A 66 -2.08 -8.08 13.74
C VAL A 66 -2.11 -9.62 13.77
N ALA A 67 -1.31 -10.22 14.62
CA ALA A 67 -1.23 -11.69 14.68
C ALA A 67 -2.44 -12.43 15.24
N ASP A 68 -3.12 -11.83 16.20
CA ASP A 68 -4.26 -12.49 16.83
C ASP A 68 -5.15 -11.53 17.60
N ALA A 69 -6.14 -12.08 18.30
CA ALA A 69 -7.08 -11.29 19.08
C ALA A 69 -6.37 -10.45 20.13
N ALA A 70 -5.39 -11.06 20.80
CA ALA A 70 -4.64 -10.37 21.84
C ALA A 70 -3.92 -9.17 21.24
N GLY A 71 -3.39 -9.35 20.02
CA GLY A 71 -2.69 -8.27 19.35
C GLY A 71 -3.63 -7.12 19.03
N LEU A 72 -4.86 -7.45 18.64
CA LEU A 72 -5.84 -6.44 18.32
C LEU A 72 -6.19 -5.65 19.59
N ALA A 73 -6.38 -6.37 20.68
CA ALA A 73 -6.72 -5.75 21.96
C ALA A 73 -5.62 -4.80 22.43
N GLN A 74 -4.37 -5.21 22.25
CA GLN A 74 -3.25 -4.37 22.66
C GLN A 74 -3.21 -3.08 21.85
N MET A 75 -3.41 -3.17 20.55
CA MET A 75 -3.41 -2.00 19.68
C MET A 75 -4.56 -1.06 20.01
N ALA A 76 -5.72 -1.63 20.31
CA ALA A 76 -6.89 -0.82 20.65
C ALA A 76 -6.60 -0.02 21.92
N ASP A 77 -5.93 -0.66 22.86
CA ASP A 77 -5.59 -0.02 24.13
C ASP A 77 -4.59 1.10 23.89
N LYS A 78 -3.57 0.83 23.07
CA LYS A 78 -2.54 1.81 22.76
C LYS A 78 -3.16 3.04 22.10
N LEU A 79 -4.08 2.82 21.17
CA LEU A 79 -4.75 3.90 20.47
C LEU A 79 -5.60 4.75 21.42
N LYS A 80 -6.37 4.10 22.28
CA LYS A 80 -7.20 4.83 23.23
C LYS A 80 -6.35 5.58 24.26
N GLN A 81 -5.22 4.99 24.64
CA GLN A 81 -4.33 5.64 25.59
C GLN A 81 -3.79 6.92 24.96
N ALA A 82 -3.68 6.92 23.64
CA ALA A 82 -3.19 8.07 22.90
C ALA A 82 -4.28 9.08 22.62
N GLY A 83 -5.50 8.79 23.06
CA GLY A 83 -6.61 9.70 22.86
C GLY A 83 -7.28 9.58 21.50
N ILE A 84 -7.04 8.49 20.79
CA ILE A 84 -7.65 8.27 19.49
C ILE A 84 -9.02 7.63 19.65
N ALA A 85 -9.98 8.07 18.84
CA ALA A 85 -11.34 7.52 18.89
C ALA A 85 -11.35 6.19 18.16
N VAL A 86 -11.48 5.10 18.92
CA VAL A 86 -11.49 3.75 18.36
C VAL A 86 -12.88 3.12 18.43
N THR A 87 -13.28 2.46 17.34
CA THR A 87 -14.58 1.81 17.27
C THR A 87 -14.41 0.33 16.94
N THR A 88 -15.09 -0.53 17.69
CA THR A 88 -15.02 -1.96 17.45
C THR A 88 -15.86 -2.24 16.20
N GLY A 89 -15.27 -2.91 15.22
CA GLY A 89 -16.02 -3.22 14.01
C GLY A 89 -17.14 -4.18 14.32
N ASP A 90 -18.36 -3.85 13.93
CA ASP A 90 -19.49 -4.74 14.19
C ASP A 90 -19.40 -5.99 13.33
N ALA A 91 -20.16 -7.01 13.69
CA ALA A 91 -20.17 -8.27 12.96
C ALA A 91 -20.39 -8.06 11.46
N SER A 92 -21.20 -7.07 11.12
CA SER A 92 -21.50 -6.78 9.71
C SER A 92 -20.24 -6.36 8.95
N LEU A 93 -19.44 -5.50 9.55
CA LEU A 93 -18.22 -5.03 8.89
C LEU A 93 -17.19 -6.16 8.82
N ALA A 94 -17.06 -6.91 9.90
CA ALA A 94 -16.11 -8.01 9.94
C ALA A 94 -16.43 -8.99 8.80
N ARG A 95 -17.73 -9.24 8.58
CA ARG A 95 -18.14 -10.15 7.52
C ARG A 95 -17.78 -9.56 6.16
N ARG A 96 -18.04 -8.27 6.00
CA ARG A 96 -17.75 -7.59 4.75
C ARG A 96 -16.26 -7.69 4.39
N ARG A 97 -15.41 -7.54 5.39
CA ARG A 97 -13.96 -7.62 5.19
C ARG A 97 -13.46 -9.05 5.23
N GLY A 98 -14.29 -9.96 5.71
CA GLY A 98 -13.90 -11.36 5.79
C GLY A 98 -12.87 -11.61 6.87
N VAL A 99 -12.92 -10.81 7.94
CA VAL A 99 -11.98 -10.98 9.05
C VAL A 99 -12.71 -11.44 10.31
N THR A 100 -11.93 -11.91 11.29
CA THR A 100 -12.49 -12.39 12.53
C THR A 100 -12.84 -11.26 13.49
N GLY A 101 -11.98 -10.25 13.54
CA GLY A 101 -12.23 -9.11 14.40
C GLY A 101 -11.45 -7.90 13.92
N LEU A 102 -11.95 -6.70 14.19
CA LEU A 102 -11.25 -5.50 13.77
C LEU A 102 -11.75 -4.27 14.52
N ILE A 103 -10.92 -3.23 14.50
CA ILE A 103 -11.26 -1.95 15.12
C ILE A 103 -11.04 -0.91 14.04
N THR A 104 -11.77 0.20 14.12
CA THR A 104 -11.63 1.24 13.12
C THR A 104 -11.34 2.59 13.77
N PHE A 105 -10.63 3.43 13.02
CA PHE A 105 -10.25 4.76 13.46
C PHE A 105 -9.69 5.52 12.27
N ALA A 106 -9.23 6.75 12.49
CA ALA A 106 -8.67 7.54 11.40
C ALA A 106 -7.31 8.09 11.79
N ASP A 107 -6.43 8.33 10.82
CA ASP A 107 -5.13 8.89 11.17
C ASP A 107 -5.39 10.39 11.38
N PRO A 108 -4.38 11.13 11.85
CA PRO A 108 -4.52 12.58 12.10
C PRO A 108 -5.12 13.43 10.98
N PHE A 109 -5.05 12.96 9.75
CA PHE A 109 -5.58 13.74 8.64
C PHE A 109 -6.79 13.16 7.93
N GLY A 110 -7.54 12.32 8.63
CA GLY A 110 -8.76 11.78 8.05
C GLY A 110 -8.77 10.45 7.31
N LEU A 111 -7.63 9.82 7.09
CA LEU A 111 -7.63 8.54 6.38
C LEU A 111 -8.23 7.46 7.27
N PRO A 112 -9.31 6.80 6.80
CA PRO A 112 -9.92 5.74 7.60
C PRO A 112 -8.96 4.55 7.66
N LEU A 113 -8.68 4.08 8.86
CA LEU A 113 -7.77 2.95 9.04
C LEU A 113 -8.46 1.84 9.82
N GLU A 114 -7.98 0.63 9.63
CA GLU A 114 -8.53 -0.52 10.34
C GLU A 114 -7.38 -1.43 10.73
N ILE A 115 -7.50 -2.06 11.88
CA ILE A 115 -6.52 -3.04 12.35
C ILE A 115 -7.38 -4.27 12.56
N TYR A 116 -6.95 -5.40 12.02
CA TYR A 116 -7.74 -6.62 12.12
C TYR A 116 -6.88 -7.85 12.35
N TYR A 117 -7.53 -8.98 12.59
CA TYR A 117 -6.84 -10.25 12.73
C TYR A 117 -7.77 -11.32 12.16
N GLY A 118 -7.20 -12.45 11.80
CA GLY A 118 -8.01 -13.55 11.27
C GLY A 118 -8.69 -13.35 9.94
N ALA A 119 -7.94 -12.89 8.94
CA ALA A 119 -8.48 -12.69 7.60
C ALA A 119 -8.73 -14.05 6.95
N SER A 120 -9.49 -14.04 5.86
CA SER A 120 -9.84 -15.27 5.15
C SER A 120 -8.88 -15.71 4.05
N GLU A 121 -8.51 -17.00 4.12
CA GLU A 121 -7.63 -17.61 3.12
C GLU A 121 -8.52 -18.41 2.18
N VAL A 122 -8.12 -18.53 0.92
CA VAL A 122 -8.89 -19.30 -0.04
C VAL A 122 -7.97 -20.14 -0.92
N PHE A 123 -7.17 -20.99 -0.28
CA PHE A 123 -6.26 -21.87 -1.00
C PHE A 123 -7.02 -22.81 -1.93
N GLU A 124 -8.29 -23.08 -1.63
CA GLU A 124 -9.10 -23.96 -2.47
C GLU A 124 -9.51 -23.31 -3.79
N LYS A 125 -9.22 -22.01 -3.92
CA LYS A 125 -9.50 -21.27 -5.16
C LYS A 125 -8.12 -20.74 -5.55
N PRO A 126 -7.25 -21.62 -6.06
CA PRO A 126 -5.90 -21.24 -6.46
C PRO A 126 -5.77 -19.97 -7.27
N PHE A 127 -4.88 -19.11 -6.82
CA PHE A 127 -4.64 -17.84 -7.49
C PHE A 127 -4.27 -18.03 -8.95
N LEU A 128 -4.93 -17.26 -9.81
CA LEU A 128 -4.68 -17.27 -11.26
C LEU A 128 -4.63 -15.80 -11.67
N PRO A 129 -3.45 -15.29 -12.04
CA PRO A 129 -3.37 -13.88 -12.43
C PRO A 129 -4.16 -13.51 -13.69
N GLY A 130 -4.60 -12.26 -13.75
CA GLY A 130 -5.36 -11.78 -14.90
C GLY A 130 -4.49 -11.48 -16.10
N ALA A 131 -3.17 -11.51 -15.88
CA ALA A 131 -2.19 -11.27 -16.93
C ALA A 131 -0.99 -12.16 -16.61
N ALA A 132 -0.03 -12.23 -17.52
CA ALA A 132 1.14 -13.08 -17.32
C ALA A 132 2.08 -12.55 -16.24
N VAL A 133 1.89 -13.05 -15.01
CA VAL A 133 2.71 -12.67 -13.87
C VAL A 133 3.10 -13.96 -13.15
N SER A 134 4.39 -14.17 -12.95
CA SER A 134 4.86 -15.39 -12.30
C SER A 134 4.42 -15.47 -10.84
N GLY A 135 4.15 -14.31 -10.24
CA GLY A 135 3.72 -14.30 -8.85
C GLY A 135 3.93 -12.96 -8.17
N PHE A 136 3.18 -12.72 -7.10
CA PHE A 136 3.33 -11.49 -6.35
C PHE A 136 4.02 -11.86 -5.04
N LEU A 137 4.80 -10.94 -4.50
CA LEU A 137 5.51 -11.20 -3.25
C LEU A 137 4.72 -10.61 -2.08
N THR A 138 4.23 -11.49 -1.22
CA THR A 138 3.47 -11.06 -0.04
C THR A 138 4.00 -11.77 1.20
N GLY A 139 3.33 -12.86 1.61
CA GLY A 139 3.78 -13.58 2.78
C GLY A 139 3.90 -12.68 4.00
N GLU A 140 4.97 -12.85 4.77
CA GLU A 140 5.18 -12.06 5.98
C GLU A 140 5.39 -10.58 5.72
N GLN A 141 5.58 -10.21 4.45
CA GLN A 141 5.79 -8.82 4.11
C GLN A 141 4.51 -8.09 3.75
N GLY A 142 3.40 -8.82 3.76
CA GLY A 142 2.13 -8.20 3.44
C GLY A 142 1.94 -7.80 2.00
N LEU A 143 0.94 -6.94 1.79
CA LEU A 143 0.53 -6.46 0.48
C LEU A 143 1.53 -5.64 -0.32
N GLY A 144 2.26 -4.77 0.37
CA GLY A 144 3.21 -3.91 -0.31
C GLY A 144 3.28 -2.61 0.47
N HIS A 145 3.23 -1.47 -0.20
CA HIS A 145 3.27 -0.20 0.51
C HIS A 145 2.50 0.89 -0.22
N PHE A 146 2.30 2.01 0.46
CA PHE A 146 1.68 3.17 -0.15
C PHE A 146 2.27 4.38 0.51
N VAL A 147 2.21 5.51 -0.19
CA VAL A 147 2.78 6.75 0.30
C VAL A 147 1.67 7.71 0.69
N ARG A 148 1.59 7.99 1.98
CA ARG A 148 0.59 8.89 2.52
C ARG A 148 1.03 10.34 2.37
N CYS A 149 0.23 11.12 1.64
CA CYS A 149 0.52 12.54 1.44
C CYS A 149 -0.13 13.28 2.60
N VAL A 150 0.64 14.10 3.29
CA VAL A 150 0.14 14.83 4.44
C VAL A 150 0.56 16.30 4.41
N PRO A 151 -0.11 17.15 5.20
CA PRO A 151 0.17 18.58 5.29
C PRO A 151 1.32 18.85 6.26
N ASP A 152 1.47 17.95 7.22
CA ASP A 152 2.49 18.07 8.26
C ASP A 152 3.12 16.70 8.51
N SER A 153 4.29 16.47 7.92
CA SER A 153 4.97 15.18 8.08
C SER A 153 5.37 14.86 9.51
N ASP A 154 5.73 15.87 10.30
CA ASP A 154 6.12 15.64 11.69
C ASP A 154 4.97 15.05 12.50
N LYS A 155 3.78 15.61 12.32
CA LYS A 155 2.61 15.13 13.04
C LYS A 155 2.25 13.73 12.58
N ALA A 156 2.33 13.49 11.27
CA ALA A 156 1.99 12.18 10.72
C ALA A 156 3.01 11.15 11.20
N LEU A 157 4.29 11.51 11.16
CA LEU A 157 5.35 10.61 11.59
C LEU A 157 5.17 10.20 13.04
N ALA A 158 4.84 11.17 13.90
CA ALA A 158 4.64 10.90 15.32
C ALA A 158 3.50 9.91 15.57
N PHE A 159 2.44 10.02 14.78
CA PHE A 159 1.29 9.13 14.94
C PHE A 159 1.64 7.71 14.51
N TYR A 160 2.15 7.57 13.30
CA TYR A 160 2.49 6.25 12.79
C TYR A 160 3.61 5.56 13.58
N THR A 161 4.53 6.35 14.12
CA THR A 161 5.64 5.78 14.89
C THR A 161 5.27 5.57 16.36
N ASP A 162 4.90 6.64 17.06
CA ASP A 162 4.57 6.55 18.48
C ASP A 162 3.30 5.79 18.81
N VAL A 163 2.28 5.91 17.97
CA VAL A 163 1.01 5.22 18.23
C VAL A 163 0.88 3.87 17.54
N LEU A 164 1.08 3.83 16.22
CA LEU A 164 0.93 2.57 15.50
C LEU A 164 2.17 1.66 15.53
N GLY A 165 3.29 2.19 16.00
CA GLY A 165 4.49 1.37 16.11
C GLY A 165 5.38 1.16 14.91
N PHE A 166 5.17 1.91 13.82
CA PHE A 166 6.03 1.76 12.67
C PHE A 166 7.42 2.27 13.04
N GLN A 167 8.45 1.72 12.38
CA GLN A 167 9.82 2.12 12.64
C GLN A 167 10.45 2.76 11.41
N LEU A 168 11.28 3.77 11.63
CA LEU A 168 11.92 4.45 10.51
C LEU A 168 13.02 3.63 9.83
N SER A 169 13.00 3.61 8.51
CA SER A 169 14.01 2.91 7.74
C SER A 169 15.02 3.98 7.31
N ASP A 170 14.54 4.97 6.58
CA ASP A 170 15.40 6.05 6.12
C ASP A 170 14.61 7.26 5.65
N VAL A 171 15.35 8.30 5.28
CA VAL A 171 14.75 9.54 4.82
C VAL A 171 15.37 9.95 3.51
N ILE A 172 14.54 10.47 2.60
CA ILE A 172 15.03 10.96 1.33
C ILE A 172 14.55 12.40 1.20
N ASP A 173 15.49 13.32 1.04
CA ASP A 173 15.12 14.71 0.88
C ASP A 173 14.88 14.92 -0.60
N MET A 174 13.61 14.90 -0.98
CA MET A 174 13.15 15.04 -2.35
C MET A 174 13.26 16.45 -2.89
N LYS A 175 14.05 16.63 -3.94
CA LYS A 175 14.21 17.94 -4.55
C LYS A 175 13.02 18.23 -5.44
N MET A 176 12.30 19.30 -5.14
CA MET A 176 11.14 19.69 -5.92
C MET A 176 11.26 21.15 -6.33
N GLY A 177 12.37 21.48 -6.96
CA GLY A 177 12.60 22.85 -7.38
C GLY A 177 13.76 23.47 -6.61
N PRO A 178 14.46 24.45 -7.20
CA PRO A 178 15.60 25.11 -6.54
C PRO A 178 15.30 25.61 -5.12
N ASP A 179 14.04 25.96 -4.87
CA ASP A 179 13.65 26.46 -3.56
C ASP A 179 12.73 25.52 -2.79
N VAL A 180 12.60 24.28 -3.26
CA VAL A 180 11.74 23.33 -2.58
C VAL A 180 12.37 21.94 -2.41
N THR A 181 12.46 21.52 -1.15
CA THR A 181 13.00 20.21 -0.81
C THR A 181 12.14 19.68 0.32
N VAL A 182 11.52 18.52 0.08
CA VAL A 182 10.65 17.93 1.09
C VAL A 182 11.15 16.56 1.51
N PRO A 183 11.17 16.30 2.82
CA PRO A 183 11.65 15.00 3.29
C PRO A 183 10.55 13.94 3.18
N ALA A 184 10.93 12.77 2.71
CA ALA A 184 10.02 11.65 2.59
C ALA A 184 10.54 10.63 3.59
N TYR A 185 9.65 10.14 4.46
CA TYR A 185 10.02 9.17 5.49
C TYR A 185 9.53 7.78 5.09
N PHE A 186 10.40 6.79 5.18
CA PHE A 186 10.03 5.42 4.84
C PHE A 186 10.04 4.60 6.11
N LEU A 187 8.90 3.97 6.40
CA LEU A 187 8.72 3.20 7.63
C LEU A 187 8.40 1.72 7.44
N HIS A 188 8.96 0.88 8.32
CA HIS A 188 8.70 -0.55 8.23
C HIS A 188 7.97 -1.07 9.47
N CYS A 189 7.33 -2.23 9.32
CA CYS A 189 6.64 -2.88 10.43
C CYS A 189 6.91 -4.38 10.33
N ASN A 190 7.76 -4.74 9.37
CA ASN A 190 8.20 -6.11 9.14
C ASN A 190 9.45 -6.03 8.28
N GLU A 191 9.83 -7.14 7.63
CA GLU A 191 11.04 -7.16 6.80
C GLU A 191 11.01 -6.29 5.56
N ARG A 192 9.82 -5.96 5.06
CA ARG A 192 9.72 -5.12 3.88
C ARG A 192 10.34 -3.77 4.21
N HIS A 193 11.25 -3.29 3.38
CA HIS A 193 11.96 -2.02 3.63
C HIS A 193 11.00 -0.94 4.14
N HIS A 194 9.86 -0.80 3.47
CA HIS A 194 8.85 0.12 3.96
C HIS A 194 7.47 -0.36 3.55
N THR A 195 6.53 -0.20 4.46
CA THR A 195 5.15 -0.59 4.25
C THR A 195 4.38 0.72 4.11
N LEU A 196 4.99 1.80 4.59
CA LEU A 196 4.38 3.11 4.52
C LEU A 196 5.43 4.21 4.38
N ALA A 197 5.14 5.20 3.55
CA ALA A 197 6.04 6.33 3.36
C ALA A 197 5.17 7.54 3.66
N ILE A 198 5.80 8.61 4.16
CA ILE A 198 5.07 9.83 4.50
C ILE A 198 5.80 11.02 3.91
N ALA A 199 5.04 11.91 3.26
CA ALA A 199 5.64 13.10 2.66
C ALA A 199 4.61 14.20 2.45
N ALA A 200 5.07 15.45 2.48
CA ALA A 200 4.19 16.59 2.28
C ALA A 200 4.28 17.05 0.83
N PHE A 201 3.63 16.30 -0.06
CA PHE A 201 3.63 16.61 -1.49
C PHE A 201 2.41 17.44 -1.86
N PRO A 202 2.51 18.25 -2.91
CA PRO A 202 1.38 19.08 -3.33
C PRO A 202 0.40 18.29 -4.21
N LEU A 203 -0.22 17.27 -3.62
CA LEU A 203 -1.18 16.42 -4.33
C LEU A 203 -2.55 16.47 -3.65
N PRO A 204 -3.63 16.43 -4.43
CA PRO A 204 -5.00 16.47 -3.91
C PRO A 204 -5.56 15.09 -3.55
N LYS A 205 -4.68 14.16 -3.25
CA LYS A 205 -5.11 12.81 -2.91
C LYS A 205 -4.49 12.37 -1.59
N ARG A 206 -5.06 11.32 -1.00
CA ARG A 206 -4.55 10.81 0.26
C ARG A 206 -3.21 10.11 0.10
N ILE A 207 -2.99 9.52 -1.07
CA ILE A 207 -1.73 8.83 -1.34
C ILE A 207 -1.20 9.18 -2.72
N HIS A 208 0.12 9.13 -2.86
CA HIS A 208 0.75 9.41 -4.14
C HIS A 208 0.63 8.14 -4.98
N HIS A 209 0.93 7.00 -4.36
CA HIS A 209 0.82 5.72 -5.05
C HIS A 209 0.81 4.57 -4.06
N PHE A 210 0.42 3.40 -4.55
CA PHE A 210 0.48 2.18 -3.75
C PHE A 210 1.43 1.31 -4.57
N MET A 211 2.07 0.34 -3.96
CA MET A 211 3.04 -0.48 -4.66
C MET A 211 2.77 -1.98 -4.51
N LEU A 212 2.95 -2.70 -5.60
CA LEU A 212 2.79 -4.15 -5.60
C LEU A 212 4.11 -4.73 -6.10
N GLU A 213 4.60 -5.77 -5.43
CA GLU A 213 5.86 -6.38 -5.82
C GLU A 213 5.65 -7.74 -6.48
N VAL A 214 6.38 -7.99 -7.56
CA VAL A 214 6.27 -9.25 -8.29
C VAL A 214 7.53 -10.09 -8.15
N ALA A 215 7.44 -11.35 -8.56
CA ALA A 215 8.53 -12.30 -8.41
C ALA A 215 9.71 -12.28 -9.39
N SER A 216 9.53 -11.71 -10.58
CA SER A 216 10.64 -11.67 -11.52
C SER A 216 10.74 -10.35 -12.26
N LEU A 217 11.90 -10.10 -12.86
CA LEU A 217 12.12 -8.89 -13.64
C LEU A 217 11.18 -8.89 -14.85
N ASP A 218 10.99 -10.06 -15.45
CA ASP A 218 10.10 -10.14 -16.61
C ASP A 218 8.68 -9.74 -16.25
N ASP A 219 8.24 -10.07 -15.03
CA ASP A 219 6.89 -9.66 -14.63
C ASP A 219 6.77 -8.15 -14.76
N VAL A 220 7.81 -7.44 -14.31
CA VAL A 220 7.81 -5.98 -14.39
C VAL A 220 7.91 -5.52 -15.85
N GLY A 221 8.84 -6.12 -16.60
CA GLY A 221 9.02 -5.75 -18.00
C GLY A 221 7.79 -5.89 -18.87
N PHE A 222 7.10 -7.02 -18.73
CA PHE A 222 5.89 -7.25 -19.52
C PHE A 222 4.78 -6.29 -19.10
N ALA A 223 4.63 -6.08 -17.79
CA ALA A 223 3.60 -5.16 -17.30
C ALA A 223 3.85 -3.74 -17.81
N PHE A 224 5.12 -3.34 -17.85
CA PHE A 224 5.47 -2.02 -18.32
C PHE A 224 4.91 -1.83 -19.73
N ASP A 225 5.14 -2.81 -20.60
CA ASP A 225 4.65 -2.73 -21.96
C ASP A 225 3.12 -2.72 -22.08
N ARG A 226 2.45 -3.48 -21.23
CA ARG A 226 0.99 -3.52 -21.27
C ARG A 226 0.43 -2.15 -20.89
N VAL A 227 1.07 -1.51 -19.92
CA VAL A 227 0.65 -0.19 -19.45
C VAL A 227 1.04 0.89 -20.45
N ASP A 228 2.22 0.75 -21.04
CA ASP A 228 2.74 1.71 -22.00
C ASP A 228 1.89 1.75 -23.26
N ALA A 229 1.30 0.61 -23.61
CA ALA A 229 0.45 0.53 -24.79
C ALA A 229 -0.70 1.53 -24.71
N ASP A 230 -1.13 1.82 -23.49
CA ASP A 230 -2.24 2.77 -23.29
C ASP A 230 -1.76 4.15 -22.87
N GLY A 231 -0.45 4.36 -22.93
CA GLY A 231 0.13 5.65 -22.57
C GLY A 231 -0.03 6.04 -21.12
N LEU A 232 -0.03 5.04 -20.23
CA LEU A 232 -0.21 5.30 -18.81
C LEU A 232 1.07 5.32 -17.96
N ILE A 233 2.22 5.12 -18.59
CA ILE A 233 3.48 5.14 -17.85
C ILE A 233 3.79 6.55 -17.37
N THR A 234 4.21 6.67 -16.12
CA THR A 234 4.55 7.98 -15.56
C THR A 234 6.05 8.06 -15.25
N SER A 235 6.71 6.91 -15.18
CA SER A 235 8.13 6.86 -14.91
C SER A 235 8.76 5.63 -15.57
N THR A 236 9.94 5.80 -16.15
CA THR A 236 10.62 4.69 -16.79
C THR A 236 11.15 3.74 -15.72
N LEU A 237 11.61 2.56 -16.15
CA LEU A 237 12.16 1.59 -15.21
C LEU A 237 13.37 2.19 -14.49
N GLY A 238 13.48 1.91 -13.20
CA GLY A 238 14.60 2.42 -12.42
C GLY A 238 14.75 1.62 -11.13
N ARG A 239 15.80 1.89 -10.37
CA ARG A 239 15.99 1.20 -9.10
C ARG A 239 16.13 2.25 -8.02
N HIS A 240 15.42 2.05 -6.91
CA HIS A 240 15.48 3.01 -5.81
C HIS A 240 16.76 2.94 -5.00
N THR A 241 17.15 4.07 -4.45
CA THR A 241 18.37 4.16 -3.64
C THR A 241 18.22 3.51 -2.28
N ASN A 242 17.02 3.55 -1.70
CA ASN A 242 16.82 3.01 -0.37
C ASN A 242 16.41 1.55 -0.27
N ASP A 243 15.35 1.13 -0.97
CA ASP A 243 14.96 -0.27 -0.88
C ASP A 243 15.51 -1.09 -2.05
N HIS A 244 16.19 -0.43 -2.98
CA HIS A 244 16.78 -1.10 -4.13
C HIS A 244 15.81 -1.88 -4.99
N MET A 245 14.56 -1.45 -4.99
CA MET A 245 13.52 -2.08 -5.79
C MET A 245 13.64 -1.58 -7.23
N VAL A 246 13.48 -2.48 -8.19
CA VAL A 246 13.50 -2.11 -9.62
C VAL A 246 12.01 -2.00 -9.96
N SER A 247 11.59 -0.82 -10.41
CA SER A 247 10.18 -0.62 -10.69
C SER A 247 9.90 0.48 -11.71
N PHE A 248 8.61 0.65 -12.00
CA PHE A 248 8.17 1.73 -12.88
C PHE A 248 6.88 2.21 -12.22
N TYR A 249 6.43 3.40 -12.63
CA TYR A 249 5.20 3.95 -12.08
C TYR A 249 4.21 4.18 -13.22
N ALA A 250 2.93 4.11 -12.91
CA ALA A 250 1.89 4.31 -13.91
C ALA A 250 0.66 4.92 -13.27
N SER A 251 -0.21 5.49 -14.11
CA SER A 251 -1.43 6.13 -13.63
C SER A 251 -2.61 5.16 -13.57
N THR A 252 -3.33 5.16 -12.46
CA THR A 252 -4.52 4.33 -12.34
C THR A 252 -5.63 5.21 -12.91
N PRO A 253 -6.83 4.65 -13.10
CA PRO A 253 -7.93 5.48 -13.65
C PRO A 253 -8.32 6.65 -12.75
N SER A 254 -7.88 6.61 -11.49
CA SER A 254 -8.19 7.67 -10.53
C SER A 254 -7.11 8.74 -10.44
N GLY A 255 -6.05 8.59 -11.22
CA GLY A 255 -4.98 9.58 -11.18
C GLY A 255 -3.88 9.14 -10.23
N VAL A 256 -4.29 8.58 -9.09
CA VAL A 256 -3.33 8.08 -8.12
C VAL A 256 -2.44 7.12 -8.89
N GLU A 257 -1.17 7.06 -8.55
CA GLU A 257 -0.27 6.17 -9.28
C GLU A 257 -0.12 4.81 -8.61
N VAL A 258 0.49 3.90 -9.34
CA VAL A 258 0.77 2.58 -8.82
C VAL A 258 2.21 2.30 -9.20
N GLU A 259 2.96 1.70 -8.27
CA GLU A 259 4.35 1.35 -8.52
C GLU A 259 4.35 -0.17 -8.62
N TYR A 260 5.07 -0.69 -9.59
CA TYR A 260 5.12 -2.13 -9.85
C TYR A 260 6.61 -2.50 -9.85
N GLY A 261 7.04 -3.27 -8.85
CA GLY A 261 8.45 -3.59 -8.75
C GLY A 261 8.91 -4.99 -8.41
N TRP A 262 10.23 -5.16 -8.44
CA TRP A 262 10.88 -6.43 -8.19
C TRP A 262 12.27 -6.31 -7.56
N SER A 263 12.64 -7.30 -6.75
CA SER A 263 13.96 -7.40 -6.14
C SER A 263 14.38 -6.42 -5.05
N ALA A 264 13.44 -5.91 -4.26
CA ALA A 264 13.81 -4.99 -3.19
C ALA A 264 14.56 -5.72 -2.07
N ARG A 265 15.43 -5.01 -1.37
CA ARG A 265 16.16 -5.60 -0.25
C ARG A 265 15.25 -5.47 0.95
N THR A 266 15.49 -6.27 1.98
CA THR A 266 14.70 -6.22 3.20
C THR A 266 15.50 -5.62 4.35
N VAL A 267 14.85 -5.42 5.49
CA VAL A 267 15.52 -4.86 6.65
C VAL A 267 15.35 -5.77 7.87
N ASP A 268 16.19 -5.57 8.89
CA ASP A 268 16.11 -6.35 10.11
C ASP A 268 16.53 -5.51 11.31
N ARG A 269 16.79 -6.16 12.43
CA ARG A 269 17.19 -5.48 13.66
C ARG A 269 18.61 -4.92 13.64
N SER A 270 19.37 -5.20 12.58
CA SER A 270 20.73 -4.68 12.47
C SER A 270 20.75 -3.44 11.58
N TRP A 271 19.59 -3.09 11.07
CA TRP A 271 19.44 -1.92 10.19
C TRP A 271 19.70 -0.61 10.92
N VAL A 272 20.36 0.32 10.24
CA VAL A 272 20.61 1.64 10.81
C VAL A 272 19.99 2.70 9.91
N VAL A 273 19.40 3.72 10.52
CA VAL A 273 18.76 4.81 9.78
C VAL A 273 19.79 5.61 9.00
N VAL A 274 19.46 5.96 7.76
CA VAL A 274 20.34 6.76 6.91
C VAL A 274 19.50 7.78 6.15
N ARG A 275 20.16 8.64 5.37
CA ARG A 275 19.47 9.64 4.58
C ARG A 275 19.98 9.60 3.15
N HIS A 276 19.16 10.09 2.22
CA HIS A 276 19.50 10.13 0.79
C HIS A 276 19.08 11.47 0.23
N ASP A 277 19.72 11.87 -0.87
CA ASP A 277 19.39 13.11 -1.56
C ASP A 277 18.75 12.83 -2.91
N SER A 278 18.60 11.54 -3.24
CA SER A 278 17.98 11.12 -4.48
C SER A 278 17.18 9.85 -4.20
N PRO A 279 16.04 9.68 -4.87
CA PRO A 279 15.22 8.49 -4.64
C PRO A 279 15.55 7.34 -5.60
N SER A 280 16.34 7.62 -6.62
CA SER A 280 16.69 6.59 -7.61
C SER A 280 18.17 6.50 -7.95
N MET A 281 18.69 5.27 -7.96
CA MET A 281 20.09 5.01 -8.32
C MET A 281 20.22 5.28 -9.80
N TRP A 282 19.28 4.73 -10.55
CA TRP A 282 19.24 4.91 -12.00
C TRP A 282 17.80 4.79 -12.47
N GLY A 283 17.53 5.32 -13.66
CA GLY A 283 16.19 5.25 -14.21
C GLY A 283 15.17 6.11 -13.49
N HIS A 284 13.90 5.71 -13.60
CA HIS A 284 12.79 6.44 -13.00
C HIS A 284 12.71 7.85 -13.55
N LYS A 285 12.91 7.95 -14.86
CA LYS A 285 12.83 9.23 -15.54
C LYS A 285 11.36 9.57 -15.71
N SER A 286 10.98 10.79 -15.35
CA SER A 286 9.60 11.22 -15.47
C SER A 286 9.23 11.36 -16.95
N VAL A 287 8.10 10.77 -17.32
CA VAL A 287 7.63 10.83 -18.71
C VAL A 287 6.13 11.12 -18.75
#